data_6B1Z
#
_entry.id   6B1Z
#
_cell.length_a   47.170
_cell.length_b   99.780
_cell.length_c   132.590
_cell.angle_alpha   90.000
_cell.angle_beta   90.000
_cell.angle_gamma   90.000
#
_symmetry.space_group_name_H-M   'P 21 21 21'
#
loop_
_entity.id
_entity.type
_entity.pdbx_description
1 polymer 'Glutamate--tRNA ligase'
2 non-polymer 'FORMIC ACID'
3 non-polymer 1,2-ETHANEDIOL
4 non-polymer 'MAGNESIUM ION'
5 water water
#
_entity_poly.entity_id   1
_entity_poly.type   'polypeptide(L)'
_entity_poly.pdbx_seq_one_letter_code
;MAHHHHHHMEKVRVRFAPSPTGPLHLGGVRTALYDYLFAKHNGGDFILRIEDTDTQRYVPGSEEYIMEALEWIGMVPDES
PKHGGPYAPYRQSERRDIYDRYTEQILKTDYAYLAFDTPEELDQIRAEFEARGDVFAYNYETRNRLRNSISLPEEEVKKL
LEEKTPYVIRFKMPLDRIINLNDIIRGKFSVNTNTLDDKVLVKNDGMPTYHFANIIDDHEMKITHVIRGEEWLPSMALHV
LLYEAMGWDAPEFAHLSLILKPEGKGKLSKRDGDKFGFPVFPLNFTDPATGNTSAGYREEGYLPEAFINMVAMLGWSPAD
NKEIVSMDEMIKEFDLNKVHKAGARFSAEKAKWFNQQYLQLMSNEAILPEFKKVLAENNVEVSDEKALKIIGLMKERATF
VKDIYNDGKFFFHAPESFDEKASKKAWSPETAVLMQELTEAISSLDFKAEIIKESIHHLAEAKGLGMGKVMMPLRLSLVG
ELKGPDVPDLMEMIGKEETISRINKAIETLK
;
_entity_poly.pdbx_strand_id   A
#
# COMPACT_ATOMS: atom_id res chain seq x y z
N GLU A 10 23.12 -17.56 11.60
CA GLU A 10 23.20 -16.17 12.04
C GLU A 10 22.65 -15.22 10.98
N LYS A 11 22.73 -15.64 9.71
CA LYS A 11 22.29 -14.80 8.61
C LYS A 11 20.76 -14.70 8.61
N VAL A 12 20.26 -13.48 8.77
CA VAL A 12 18.81 -13.26 8.74
C VAL A 12 18.28 -13.51 7.35
N ARG A 13 17.17 -14.24 7.25
CA ARG A 13 16.49 -14.47 5.98
C ARG A 13 15.00 -14.31 6.21
N VAL A 14 14.38 -13.37 5.49
CA VAL A 14 12.96 -13.09 5.58
C VAL A 14 12.33 -13.31 4.20
N ARG A 15 11.03 -13.50 4.16
CA ARG A 15 10.36 -13.64 2.88
C ARG A 15 9.02 -12.93 2.85
N PHE A 16 8.75 -12.27 1.72
CA PHE A 16 7.44 -11.74 1.41
C PHE A 16 6.74 -12.82 0.60
N ALA A 17 5.57 -13.26 1.06
CA ALA A 17 4.86 -14.39 0.47
C ALA A 17 3.45 -13.97 0.10
N PRO A 18 3.32 -13.10 -0.90
CA PRO A 18 2.01 -12.79 -1.46
C PRO A 18 1.52 -13.91 -2.39
N SER A 19 0.23 -14.05 -2.43
CA SER A 19 -0.43 -14.86 -3.43
C SER A 19 -0.74 -14.02 -4.66
N PRO A 20 -0.70 -14.65 -5.90
CA PRO A 20 -1.03 -13.93 -7.14
C PRO A 20 -2.54 -13.85 -7.37
N THR A 21 -3.22 -13.19 -6.43
CA THR A 21 -4.67 -13.22 -6.34
C THR A 21 -5.27 -11.82 -6.40
N GLY A 22 -4.58 -10.88 -7.02
CA GLY A 22 -5.01 -9.50 -7.05
C GLY A 22 -3.89 -8.56 -6.65
N PRO A 23 -4.20 -7.29 -6.45
CA PRO A 23 -3.15 -6.30 -6.16
C PRO A 23 -2.74 -6.32 -4.69
N LEU A 24 -1.56 -5.76 -4.45
CA LEU A 24 -1.13 -5.49 -3.08
C LEU A 24 -1.98 -4.41 -2.44
N HIS A 25 -2.43 -4.66 -1.21
CA HIS A 25 -3.05 -3.65 -0.38
C HIS A 25 -1.99 -2.96 0.47
N LEU A 26 -2.40 -1.89 1.16
CA LEU A 26 -1.45 -1.16 2.01
C LEU A 26 -0.83 -2.04 3.06
N GLY A 27 -1.61 -2.93 3.67
CA GLY A 27 -1.03 -3.87 4.63
C GLY A 27 0.06 -4.73 4.03
N GLY A 28 -0.12 -5.16 2.77
CA GLY A 28 0.92 -5.97 2.15
C GLY A 28 2.17 -5.20 1.82
N VAL A 29 2.02 -3.95 1.39
CA VAL A 29 3.18 -3.08 1.18
C VAL A 29 3.95 -2.92 2.47
N ARG A 30 3.23 -2.70 3.58
CA ARG A 30 3.91 -2.52 4.87
C ARG A 30 4.66 -3.77 5.28
N THR A 31 4.05 -4.95 5.11
CA THR A 31 4.74 -6.19 5.44
C THR A 31 6.01 -6.34 4.61
N ALA A 32 5.91 -6.13 3.30
CA ALA A 32 7.10 -6.19 2.45
C ALA A 32 8.16 -5.19 2.91
N LEU A 33 7.76 -3.97 3.26
CA LEU A 33 8.72 -2.97 3.71
C LEU A 33 9.42 -3.41 4.97
N TYR A 34 8.67 -3.90 5.96
CA TYR A 34 9.30 -4.31 7.20
C TYR A 34 10.21 -5.53 6.98
N ASP A 35 9.84 -6.45 6.09
CA ASP A 35 10.76 -7.51 5.66
C ASP A 35 12.07 -6.92 5.14
N TYR A 36 11.96 -5.98 4.20
CA TYR A 36 13.13 -5.40 3.57
C TYR A 36 14.00 -4.67 4.57
N LEU A 37 13.38 -3.82 5.39
CA LEU A 37 14.13 -3.06 6.38
C LEU A 37 14.81 -3.97 7.38
N PHE A 38 14.11 -5.02 7.82
CA PHE A 38 14.71 -5.95 8.79
C PHE A 38 15.89 -6.69 8.17
N ALA A 39 15.73 -7.18 6.94
CA ALA A 39 16.84 -7.87 6.28
C ALA A 39 18.02 -6.94 6.05
N LYS A 40 17.77 -5.74 5.52
CA LYS A 40 18.91 -4.87 5.20
C LYS A 40 19.58 -4.34 6.47
N HIS A 41 18.78 -4.03 7.50
CA HIS A 41 19.35 -3.58 8.78
C HIS A 41 20.34 -4.60 9.33
N ASN A 42 20.06 -5.88 9.13
CA ASN A 42 20.86 -6.95 9.69
C ASN A 42 21.77 -7.62 8.67
N GLY A 43 21.92 -7.03 7.48
CA GLY A 43 22.81 -7.59 6.47
C GLY A 43 22.37 -8.93 5.96
N GLY A 44 21.06 -9.18 5.90
CA GLY A 44 20.51 -10.45 5.50
C GLY A 44 19.78 -10.38 4.16
N ASP A 45 18.98 -11.40 3.90
CA ASP A 45 18.39 -11.66 2.58
C ASP A 45 16.88 -11.47 2.59
N PHE A 46 16.36 -10.90 1.51
CA PHE A 46 14.94 -10.63 1.33
C PHE A 46 14.45 -11.49 0.15
N ILE A 47 13.58 -12.44 0.43
CA ILE A 47 13.11 -13.45 -0.53
C ILE A 47 11.68 -13.11 -0.92
N LEU A 48 11.36 -13.24 -2.20
CA LEU A 48 9.98 -13.20 -2.68
C LEU A 48 9.57 -14.60 -3.07
N ARG A 49 8.55 -15.15 -2.40
CA ARG A 49 8.01 -16.46 -2.72
C ARG A 49 6.56 -16.29 -3.15
N ILE A 50 6.25 -16.75 -4.35
CA ILE A 50 4.91 -16.58 -4.92
C ILE A 50 4.03 -17.74 -4.45
N GLU A 51 2.93 -17.39 -3.79
CA GLU A 51 2.05 -18.38 -3.17
C GLU A 51 0.91 -18.71 -4.13
N ASP A 52 1.27 -19.47 -5.17
CA ASP A 52 0.33 -19.72 -6.26
C ASP A 52 -0.17 -21.17 -6.30
N THR A 53 -0.34 -21.81 -5.14
CA THR A 53 -0.93 -23.15 -5.15
C THR A 53 -2.44 -23.16 -5.23
N ASP A 54 -3.11 -22.05 -4.92
CA ASP A 54 -4.57 -22.00 -5.03
C ASP A 54 -4.91 -21.52 -6.44
N THR A 55 -4.85 -22.47 -7.37
CA THR A 55 -4.94 -22.17 -8.80
C THR A 55 -6.24 -21.46 -9.17
N GLN A 56 -7.33 -21.74 -8.45
CA GLN A 56 -8.61 -21.15 -8.84
C GLN A 56 -8.80 -19.72 -8.37
N ARG A 57 -7.89 -19.20 -7.55
CA ARG A 57 -7.94 -17.79 -7.14
C ARG A 57 -6.91 -16.95 -7.88
N TYR A 58 -6.23 -17.52 -8.87
CA TYR A 58 -5.16 -16.82 -9.57
C TYR A 58 -5.72 -15.69 -10.43
N VAL A 59 -5.03 -14.55 -10.42
CA VAL A 59 -5.39 -13.40 -11.22
C VAL A 59 -4.23 -13.13 -12.17
N PRO A 60 -4.42 -13.20 -13.49
CA PRO A 60 -3.31 -12.97 -14.42
C PRO A 60 -2.68 -11.60 -14.22
N GLY A 61 -1.34 -11.59 -14.16
CA GLY A 61 -0.60 -10.37 -13.98
C GLY A 61 -0.25 -10.01 -12.55
N SER A 62 -0.65 -10.83 -11.57
CA SER A 62 -0.45 -10.46 -10.17
C SER A 62 1.02 -10.53 -9.78
N GLU A 63 1.74 -11.56 -10.23
CA GLU A 63 3.16 -11.61 -9.96
C GLU A 63 3.87 -10.40 -10.56
N GLU A 64 3.53 -10.07 -11.81
CA GLU A 64 4.10 -8.89 -12.45
C GLU A 64 3.74 -7.63 -11.69
N TYR A 65 2.50 -7.51 -11.23
CA TYR A 65 2.10 -6.38 -10.40
C TYR A 65 2.98 -6.25 -9.16
N ILE A 66 3.19 -7.36 -8.44
CA ILE A 66 4.00 -7.33 -7.24
C ILE A 66 5.42 -6.85 -7.55
N MET A 67 6.05 -7.43 -8.58
CA MET A 67 7.40 -7.01 -8.94
C MET A 67 7.44 -5.53 -9.32
N GLU A 68 6.47 -5.07 -10.11
CA GLU A 68 6.45 -3.66 -10.52
C GLU A 68 6.28 -2.75 -9.32
N ALA A 69 5.47 -3.15 -8.34
CA ALA A 69 5.26 -2.30 -7.16
C ALA A 69 6.51 -2.25 -6.30
N LEU A 70 7.14 -3.40 -6.08
CA LEU A 70 8.38 -3.43 -5.32
C LEU A 70 9.47 -2.63 -6.02
N GLU A 71 9.55 -2.71 -7.36
CA GLU A 71 10.53 -1.93 -8.11
C GLU A 71 10.25 -0.44 -7.99
N TRP A 72 8.97 -0.05 -8.05
CA TRP A 72 8.62 1.37 -7.94
C TRP A 72 9.07 1.95 -6.60
N ILE A 73 8.89 1.19 -5.52
CA ILE A 73 9.26 1.64 -4.18
C ILE A 73 10.75 1.51 -3.92
N GLY A 74 11.44 0.63 -4.63
CA GLY A 74 12.87 0.46 -4.45
C GLY A 74 13.26 -0.65 -3.51
N MET A 75 12.50 -1.77 -3.47
CA MET A 75 12.77 -2.89 -2.56
CA MET A 75 12.82 -2.88 -2.57
C MET A 75 12.83 -4.18 -3.38
N VAL A 76 13.91 -4.37 -4.14
CA VAL A 76 14.04 -5.50 -5.05
C VAL A 76 14.46 -6.74 -4.27
N PRO A 77 13.77 -7.86 -4.43
CA PRO A 77 14.15 -9.08 -3.71
C PRO A 77 15.53 -9.59 -4.12
N ASP A 78 16.22 -10.17 -3.13
CA ASP A 78 17.49 -10.84 -3.39
C ASP A 78 17.30 -12.19 -4.07
N GLU A 79 16.17 -12.85 -3.79
CA GLU A 79 15.82 -14.15 -4.35
C GLU A 79 14.35 -14.07 -4.74
N SER A 80 14.01 -14.55 -5.95
CA SER A 80 12.67 -14.40 -6.50
C SER A 80 12.56 -15.21 -7.78
N PRO A 81 11.37 -15.38 -8.35
CA PRO A 81 11.30 -16.01 -9.68
C PRO A 81 12.07 -15.23 -10.73
N LYS A 82 12.07 -13.89 -10.65
CA LYS A 82 12.75 -13.10 -11.66
C LYS A 82 14.27 -13.17 -11.49
N HIS A 83 14.75 -13.19 -10.25
CA HIS A 83 16.19 -13.14 -10.01
C HIS A 83 16.81 -14.52 -9.82
N GLY A 84 15.99 -15.55 -9.59
CA GLY A 84 16.52 -16.84 -9.18
C GLY A 84 17.01 -16.81 -7.74
N GLY A 85 17.79 -17.83 -7.41
CA GLY A 85 18.35 -17.96 -6.08
C GLY A 85 18.63 -19.40 -5.73
N PRO A 86 19.29 -19.62 -4.58
CA PRO A 86 19.76 -20.97 -4.23
C PRO A 86 18.67 -21.97 -3.87
N TYR A 87 17.44 -21.51 -3.60
CA TYR A 87 16.36 -22.40 -3.18
C TYR A 87 15.20 -22.39 -4.17
N ALA A 88 15.49 -22.09 -5.43
CA ALA A 88 14.45 -22.13 -6.45
C ALA A 88 13.88 -23.54 -6.55
N PRO A 89 12.61 -23.68 -7.00
CA PRO A 89 11.71 -22.64 -7.49
C PRO A 89 11.13 -21.73 -6.40
N TYR A 90 10.99 -20.47 -6.73
CA TYR A 90 10.37 -19.52 -5.81
C TYR A 90 8.89 -19.32 -6.09
N ARG A 91 8.29 -20.18 -6.92
CA ARG A 91 6.84 -20.30 -7.03
C ARG A 91 6.41 -21.63 -6.45
N GLN A 92 5.43 -21.60 -5.55
CA GLN A 92 5.04 -22.83 -4.88
C GLN A 92 4.40 -23.84 -5.83
N SER A 93 3.76 -23.36 -6.91
CA SER A 93 3.17 -24.28 -7.89
C SER A 93 4.23 -25.17 -8.55
N GLU A 94 5.50 -24.82 -8.43
CA GLU A 94 6.59 -25.52 -9.10
C GLU A 94 7.36 -26.41 -8.14
N ARG A 95 6.85 -26.64 -6.93
CA ARG A 95 7.58 -27.35 -5.88
C ARG A 95 6.92 -28.65 -5.47
N ARG A 96 6.14 -29.27 -6.37
CA ARG A 96 5.33 -30.42 -5.97
C ARG A 96 6.18 -31.60 -5.48
N ASP A 97 7.34 -31.85 -6.10
CA ASP A 97 8.15 -32.98 -5.67
C ASP A 97 8.67 -32.78 -4.24
N ILE A 98 9.01 -31.54 -3.88
CA ILE A 98 9.40 -31.24 -2.50
C ILE A 98 8.24 -31.52 -1.57
N TYR A 99 7.05 -31.06 -1.94
CA TYR A 99 5.89 -31.25 -1.06
C TYR A 99 5.56 -32.72 -0.91
N ASP A 100 5.67 -33.50 -1.99
CA ASP A 100 5.39 -34.94 -1.91
C ASP A 100 6.32 -35.63 -0.92
N ARG A 101 7.59 -35.25 -0.92
CA ARG A 101 8.56 -35.81 0.02
C ARG A 101 8.11 -35.60 1.46
N TYR A 102 7.66 -34.38 1.78
CA TYR A 102 7.29 -34.06 3.16
C TYR A 102 5.89 -34.53 3.51
N THR A 103 5.01 -34.68 2.52
CA THR A 103 3.74 -35.35 2.78
C THR A 103 3.98 -36.80 3.23
N GLU A 104 4.88 -37.51 2.55
CA GLU A 104 5.22 -38.88 2.97
C GLU A 104 5.77 -38.87 4.39
N GLN A 105 6.60 -37.87 4.73
CA GLN A 105 7.19 -37.81 6.06
C GLN A 105 6.13 -37.61 7.13
N ILE A 106 5.25 -36.63 6.95
CA ILE A 106 4.29 -36.34 8.03
C ILE A 106 3.27 -37.48 8.18
N LEU A 107 3.01 -38.26 7.13
CA LEU A 107 2.09 -39.38 7.25
C LEU A 107 2.65 -40.51 8.10
N LYS A 108 3.96 -40.49 8.40
CA LYS A 108 4.52 -41.48 9.32
C LYS A 108 4.32 -41.09 10.78
N THR A 109 3.83 -39.88 11.06
CA THR A 109 3.62 -39.38 12.41
C THR A 109 2.17 -39.55 12.83
N ASP A 110 1.91 -39.31 14.12
CA ASP A 110 0.55 -39.26 14.61
C ASP A 110 -0.04 -37.87 14.53
N TYR A 111 0.53 -36.99 13.70
CA TYR A 111 0.00 -35.64 13.56
C TYR A 111 -0.80 -35.44 12.29
N ALA A 112 -1.01 -36.48 11.49
CA ALA A 112 -1.77 -36.36 10.24
C ALA A 112 -2.63 -37.59 10.02
N TYR A 113 -3.75 -37.39 9.32
CA TYR A 113 -4.64 -38.49 8.99
C TYR A 113 -5.35 -38.18 7.68
N LEU A 114 -6.00 -39.20 7.12
CA LEU A 114 -6.70 -39.09 5.83
C LEU A 114 -8.18 -38.84 6.07
N ALA A 115 -8.77 -37.95 5.27
CA ALA A 115 -10.19 -37.63 5.44
C ALA A 115 -10.88 -37.69 4.08
N PHE A 116 -12.03 -38.36 4.04
CA PHE A 116 -12.73 -38.70 2.81
C PHE A 116 -14.03 -37.93 2.64
N ASP A 117 -14.33 -36.98 3.52
CA ASP A 117 -15.63 -36.31 3.49
C ASP A 117 -15.79 -35.51 2.20
N THR A 118 -16.97 -35.64 1.60
CA THR A 118 -17.27 -34.87 0.39
C THR A 118 -17.76 -33.48 0.76
N PRO A 119 -17.75 -32.54 -0.19
CA PRO A 119 -18.30 -31.21 0.11
C PRO A 119 -19.75 -31.24 0.55
N GLU A 120 -20.57 -32.13 -0.01
CA GLU A 120 -21.95 -32.26 0.41
C GLU A 120 -22.06 -32.74 1.86
N GLU A 121 -21.21 -33.69 2.25
CA GLU A 121 -21.26 -34.20 3.62
C GLU A 121 -20.83 -33.12 4.61
N LEU A 122 -19.86 -32.29 4.23
CA LEU A 122 -19.44 -31.21 5.12
C LEU A 122 -20.50 -30.12 5.18
N ASP A 123 -21.16 -29.83 4.06
CA ASP A 123 -22.27 -28.89 4.08
C ASP A 123 -23.37 -29.36 5.00
N GLN A 124 -23.61 -30.68 5.03
CA GLN A 124 -24.68 -31.23 5.86
C GLN A 124 -24.39 -31.01 7.35
N ILE A 125 -23.17 -31.30 7.79
CA ILE A 125 -22.89 -31.12 9.22
C ILE A 125 -22.80 -29.63 9.56
N ARG A 126 -22.35 -28.80 8.61
CA ARG A 126 -22.40 -27.35 8.83
C ARG A 126 -23.84 -26.88 9.08
N ALA A 127 -24.79 -27.38 8.29
CA ALA A 127 -26.19 -27.02 8.47
C ALA A 127 -26.74 -27.54 9.80
N GLU A 128 -26.32 -28.73 10.22
CA GLU A 128 -26.73 -29.25 11.52
CA GLU A 128 -26.75 -29.25 11.52
C GLU A 128 -26.30 -28.33 12.64
N PHE A 129 -25.05 -27.85 12.59
CA PHE A 129 -24.55 -26.94 13.61
C PHE A 129 -25.26 -25.60 13.55
N GLU A 130 -25.46 -25.07 12.34
CA GLU A 130 -26.12 -23.77 12.20
C GLU A 130 -27.51 -23.78 12.80
N ALA A 131 -28.25 -24.88 12.62
CA ALA A 131 -29.61 -24.97 13.16
C ALA A 131 -29.61 -24.92 14.69
N ARG A 132 -28.52 -25.33 15.33
CA ARG A 132 -28.35 -25.20 16.78
C ARG A 132 -27.74 -23.86 17.16
N GLY A 133 -27.54 -22.96 16.20
CA GLY A 133 -26.88 -21.70 16.50
C GLY A 133 -25.40 -21.82 16.77
N ASP A 134 -24.76 -22.83 16.21
CA ASP A 134 -23.35 -23.09 16.42
C ASP A 134 -22.63 -23.04 15.08
N VAL A 135 -21.31 -23.19 15.10
CA VAL A 135 -20.50 -23.20 13.89
C VAL A 135 -19.66 -24.48 13.89
N PHE A 136 -19.80 -25.28 12.84
CA PHE A 136 -19.05 -26.53 12.74
C PHE A 136 -17.55 -26.26 12.64
N ALA A 137 -16.78 -27.07 13.36
CA ALA A 137 -15.34 -27.16 13.22
C ALA A 137 -14.95 -28.63 13.16
N TYR A 138 -14.11 -28.97 12.18
CA TYR A 138 -13.55 -30.32 12.07
C TYR A 138 -12.43 -30.42 13.10
N ASN A 139 -12.65 -31.14 14.20
CA ASN A 139 -11.75 -31.05 15.34
C ASN A 139 -11.84 -32.33 16.15
N TYR A 140 -11.22 -32.32 17.34
CA TYR A 140 -11.24 -33.51 18.18
C TYR A 140 -12.67 -33.96 18.49
N GLU A 141 -13.58 -33.00 18.71
CA GLU A 141 -14.96 -33.31 19.08
C GLU A 141 -15.76 -33.96 17.97
N THR A 142 -15.50 -33.59 16.72
CA THR A 142 -16.31 -34.03 15.60
C THR A 142 -15.66 -35.08 14.72
N ARG A 143 -14.33 -35.29 14.85
CA ARG A 143 -13.70 -36.14 13.85
C ARG A 143 -14.20 -37.58 13.92
N ASN A 144 -14.64 -38.05 15.09
CA ASN A 144 -15.03 -39.44 15.18
C ASN A 144 -16.40 -39.74 14.57
N ARG A 145 -17.19 -38.73 14.21
CA ARG A 145 -18.47 -38.98 13.54
CA ARG A 145 -18.46 -39.00 13.53
C ARG A 145 -18.43 -38.61 12.06
N LEU A 146 -17.26 -38.27 11.53
CA LEU A 146 -17.11 -37.99 10.12
C LEU A 146 -16.41 -39.19 9.47
N ARG A 147 -15.87 -39.01 8.26
CA ARG A 147 -15.36 -40.12 7.46
C ARG A 147 -13.87 -39.93 7.22
N ASN A 148 -13.04 -40.56 8.06
CA ASN A 148 -11.60 -40.35 7.99
C ASN A 148 -10.90 -41.58 8.55
N SER A 149 -9.57 -41.59 8.49
CA SER A 149 -8.83 -42.78 8.91
C SER A 149 -8.77 -42.96 10.42
N ILE A 150 -9.26 -42.00 11.19
CA ILE A 150 -9.43 -42.17 12.63
CA ILE A 150 -9.42 -42.20 12.62
C ILE A 150 -10.77 -42.84 12.95
N SER A 151 -11.83 -42.40 12.28
CA SER A 151 -13.19 -42.86 12.58
C SER A 151 -13.56 -44.15 11.87
N LEU A 152 -12.98 -44.42 10.74
CA LEU A 152 -13.41 -45.56 9.94
C LEU A 152 -12.53 -46.77 10.21
N PRO A 153 -13.13 -47.96 10.20
CA PRO A 153 -12.34 -49.19 10.35
C PRO A 153 -11.21 -49.27 9.34
N GLU A 154 -10.08 -49.84 9.76
CA GLU A 154 -8.91 -49.94 8.90
C GLU A 154 -9.24 -50.67 7.60
N GLU A 155 -10.18 -51.61 7.63
CA GLU A 155 -10.55 -52.32 6.40
C GLU A 155 -11.32 -51.43 5.45
N GLU A 156 -12.18 -50.55 5.99
CA GLU A 156 -12.91 -49.64 5.12
C GLU A 156 -11.97 -48.61 4.48
N VAL A 157 -11.00 -48.10 5.25
CA VAL A 157 -10.02 -47.19 4.68
C VAL A 157 -9.25 -47.87 3.56
N LYS A 158 -8.80 -49.09 3.81
CA LYS A 158 -8.11 -49.87 2.78
C LYS A 158 -8.96 -49.99 1.52
N LYS A 159 -10.24 -50.31 1.72
CA LYS A 159 -11.18 -50.41 0.60
C LYS A 159 -11.29 -49.09 -0.15
N LEU A 160 -11.47 -47.99 0.58
CA LEU A 160 -11.62 -46.69 -0.08
C LEU A 160 -10.40 -46.32 -0.90
N LEU A 161 -9.20 -46.66 -0.39
CA LEU A 161 -7.99 -46.31 -1.13
C LEU A 161 -7.83 -47.17 -2.38
N GLU A 162 -8.22 -48.45 -2.30
CA GLU A 162 -8.24 -49.28 -3.50
C GLU A 162 -9.15 -48.71 -4.57
N GLU A 163 -10.30 -48.16 -4.15
CA GLU A 163 -11.27 -47.57 -5.07
C GLU A 163 -10.87 -46.17 -5.54
N LYS A 164 -9.68 -45.68 -5.15
CA LYS A 164 -9.21 -44.35 -5.54
C LYS A 164 -10.15 -43.25 -5.06
N THR A 165 -10.71 -43.43 -3.87
CA THR A 165 -11.58 -42.43 -3.28
C THR A 165 -10.78 -41.16 -2.99
N PRO A 166 -11.23 -39.99 -3.45
CA PRO A 166 -10.51 -38.74 -3.14
C PRO A 166 -10.41 -38.53 -1.64
N TYR A 167 -9.26 -38.02 -1.19
CA TYR A 167 -9.07 -37.73 0.22
C TYR A 167 -8.16 -36.52 0.39
N VAL A 168 -8.34 -35.83 1.52
CA VAL A 168 -7.42 -34.79 1.95
C VAL A 168 -6.62 -35.35 3.12
N ILE A 169 -5.52 -34.69 3.43
CA ILE A 169 -4.76 -35.00 4.63
C ILE A 169 -4.97 -33.86 5.62
N ARG A 170 -5.41 -34.21 6.83
CA ARG A 170 -5.69 -33.23 7.88
C ARG A 170 -4.67 -33.36 9.00
N PHE A 171 -4.39 -32.22 9.65
CA PHE A 171 -3.62 -32.24 10.86
C PHE A 171 -4.46 -32.81 12.00
N LYS A 172 -3.86 -33.66 12.84
CA LYS A 172 -4.57 -34.23 14.00
C LYS A 172 -4.28 -33.38 15.23
N MET A 173 -5.21 -32.48 15.56
CA MET A 173 -4.99 -31.59 16.71
C MET A 173 -4.88 -32.41 17.98
N PRO A 174 -3.83 -32.20 18.78
CA PRO A 174 -3.74 -32.90 20.08
C PRO A 174 -4.93 -32.62 20.98
N LEU A 175 -5.22 -33.59 21.83
CA LEU A 175 -6.23 -33.44 22.89
C LEU A 175 -5.69 -32.58 24.04
N ASP A 176 -6.38 -31.47 24.33
CA ASP A 176 -6.20 -30.72 25.58
C ASP A 176 -4.72 -30.45 25.89
N ARG A 177 -4.04 -29.83 24.93
CA ARG A 177 -2.64 -29.50 25.08
C ARG A 177 -2.49 -27.99 25.07
N ILE A 178 -1.69 -27.46 25.99
CA ILE A 178 -1.42 -26.03 26.07
C ILE A 178 -0.18 -25.72 25.23
N ILE A 179 -0.33 -24.86 24.23
CA ILE A 179 0.77 -24.41 23.40
C ILE A 179 1.19 -23.03 23.89
N ASN A 180 2.46 -22.89 24.27
CA ASN A 180 2.98 -21.60 24.72
C ASN A 180 3.71 -20.93 23.56
N LEU A 181 3.18 -19.81 23.08
CA LEU A 181 3.67 -19.08 21.92
C LEU A 181 4.40 -17.82 22.35
N ASN A 182 5.32 -17.38 21.50
CA ASN A 182 6.11 -16.17 21.78
C ASN A 182 6.28 -15.44 20.47
N ASP A 183 5.63 -14.28 20.35
CA ASP A 183 5.69 -13.47 19.13
C ASP A 183 6.50 -12.21 19.38
N ILE A 184 7.28 -11.79 18.38
CA ILE A 184 8.12 -10.61 18.54
C ILE A 184 7.28 -9.36 18.80
N ILE A 185 6.14 -9.23 18.12
CA ILE A 185 5.27 -8.06 18.31
C ILE A 185 4.32 -8.26 19.48
N ARG A 186 3.65 -9.41 19.51
CA ARG A 186 2.52 -9.61 20.41
C ARG A 186 2.91 -10.18 21.76
N GLY A 187 4.16 -10.64 21.93
CA GLY A 187 4.59 -11.19 23.20
C GLY A 187 4.20 -12.64 23.41
N LYS A 188 4.19 -13.04 24.68
CA LYS A 188 3.89 -14.42 25.07
C LYS A 188 2.40 -14.60 25.29
N PHE A 189 1.88 -15.72 24.80
CA PHE A 189 0.49 -16.08 25.04
C PHE A 189 0.38 -17.59 24.87
N SER A 190 -0.70 -18.15 25.43
CA SER A 190 -0.94 -19.58 25.38
CA SER A 190 -0.94 -19.58 25.38
C SER A 190 -2.30 -19.88 24.76
N VAL A 191 -2.38 -21.03 24.10
CA VAL A 191 -3.65 -21.47 23.54
CA VAL A 191 -3.57 -21.50 23.38
C VAL A 191 -3.78 -22.97 23.71
N ASN A 192 -5.00 -23.39 24.04
CA ASN A 192 -5.29 -24.80 24.18
C ASN A 192 -5.72 -25.38 22.82
N THR A 193 -5.16 -26.53 22.47
CA THR A 193 -5.51 -27.15 21.20
C THR A 193 -6.99 -27.50 21.07
N ASN A 194 -7.72 -27.61 22.19
CA ASN A 194 -9.15 -27.84 22.09
C ASN A 194 -9.89 -26.71 21.38
N THR A 195 -9.29 -25.52 21.29
CA THR A 195 -9.90 -24.41 20.56
C THR A 195 -9.54 -24.42 19.08
N LEU A 196 -8.73 -25.37 18.62
CA LEU A 196 -8.18 -25.37 17.28
C LEU A 196 -8.74 -26.54 16.46
N ASP A 197 -8.57 -26.48 15.14
CA ASP A 197 -9.21 -27.48 14.30
CA ASP A 197 -9.21 -27.41 14.22
C ASP A 197 -8.19 -28.29 13.52
N ASP A 198 -8.68 -29.41 12.99
CA ASP A 198 -7.87 -30.37 12.21
C ASP A 198 -7.72 -29.85 10.78
N LYS A 199 -6.89 -28.81 10.61
CA LYS A 199 -6.85 -28.10 9.33
C LYS A 199 -6.34 -29.01 8.22
N VAL A 200 -6.85 -28.77 7.01
CA VAL A 200 -6.37 -29.50 5.85
C VAL A 200 -4.94 -29.07 5.54
N LEU A 201 -4.07 -30.06 5.38
CA LEU A 201 -2.67 -29.87 5.02
C LEU A 201 -2.40 -30.15 3.55
N VAL A 202 -3.07 -31.14 2.97
CA VAL A 202 -2.88 -31.50 1.57
C VAL A 202 -4.25 -31.71 0.94
N LYS A 203 -4.48 -31.08 -0.21
CA LYS A 203 -5.75 -31.14 -0.91
C LYS A 203 -5.88 -32.46 -1.70
N ASN A 204 -7.07 -32.67 -2.29
CA ASN A 204 -7.38 -33.86 -3.07
C ASN A 204 -6.36 -34.15 -4.17
N ASP A 205 -5.76 -33.12 -4.74
CA ASP A 205 -4.85 -33.29 -5.86
C ASP A 205 -3.39 -33.44 -5.43
N GLY A 206 -3.12 -33.56 -4.13
CA GLY A 206 -1.76 -33.70 -3.65
C GLY A 206 -1.03 -32.41 -3.41
N MET A 207 -1.64 -31.26 -3.74
CA MET A 207 -0.89 -30.04 -3.44
C MET A 207 -1.22 -29.56 -2.03
N PRO A 208 -0.22 -29.05 -1.33
CA PRO A 208 -0.46 -28.56 0.04
C PRO A 208 -1.35 -27.33 0.06
N THR A 209 -2.01 -27.13 1.21
CA THR A 209 -2.57 -25.83 1.53
C THR A 209 -1.45 -24.89 1.95
N TYR A 210 -1.79 -23.59 2.05
CA TYR A 210 -0.80 -22.58 2.45
CA TYR A 210 -0.76 -22.62 2.41
C TYR A 210 -0.12 -22.93 3.76
N HIS A 211 -0.90 -23.49 4.72
CA HIS A 211 -0.34 -23.78 6.03
C HIS A 211 0.86 -24.73 5.92
N PHE A 212 0.69 -25.82 5.18
CA PHE A 212 1.75 -26.84 5.07
C PHE A 212 2.83 -26.39 4.10
N ALA A 213 2.45 -25.83 2.95
CA ALA A 213 3.44 -25.33 2.00
C ALA A 213 4.35 -24.30 2.63
N ASN A 214 3.81 -23.41 3.47
CA ASN A 214 4.65 -22.35 4.02
C ASN A 214 5.62 -22.87 5.06
N ILE A 215 5.22 -23.85 5.90
CA ILE A 215 6.20 -24.33 6.87
C ILE A 215 7.27 -25.16 6.15
N ILE A 216 6.90 -25.93 5.13
CA ILE A 216 7.88 -26.67 4.34
C ILE A 216 8.87 -25.71 3.70
N ASP A 217 8.35 -24.65 3.08
CA ASP A 217 9.25 -23.78 2.33
C ASP A 217 10.02 -22.83 3.24
N ASP A 218 9.47 -22.42 4.38
CA ASP A 218 10.26 -21.65 5.33
C ASP A 218 11.42 -22.48 5.86
N HIS A 219 11.19 -23.78 6.09
CA HIS A 219 12.28 -24.66 6.48
C HIS A 219 13.31 -24.81 5.36
N GLU A 220 12.85 -25.17 4.15
CA GLU A 220 13.76 -25.42 3.05
C GLU A 220 14.56 -24.18 2.67
N MET A 221 13.94 -23.00 2.72
CA MET A 221 14.60 -21.76 2.34
C MET A 221 15.34 -21.12 3.49
N LYS A 222 15.43 -21.82 4.63
CA LYS A 222 16.23 -21.38 5.78
C LYS A 222 15.80 -19.99 6.27
N ILE A 223 14.48 -19.78 6.28
CA ILE A 223 13.91 -18.54 6.79
C ILE A 223 14.11 -18.47 8.30
N THR A 224 14.56 -17.31 8.79
CA THR A 224 14.79 -17.13 10.22
C THR A 224 13.68 -16.34 10.92
N HIS A 225 13.02 -15.43 10.21
CA HIS A 225 12.02 -14.55 10.82
C HIS A 225 10.85 -14.45 9.86
N VAL A 226 9.67 -14.84 10.34
CA VAL A 226 8.43 -14.75 9.57
C VAL A 226 7.69 -13.51 10.06
N ILE A 227 7.62 -12.49 9.20
CA ILE A 227 6.96 -11.22 9.49
C ILE A 227 5.70 -11.20 8.65
N ARG A 228 4.54 -11.09 9.29
CA ARG A 228 3.28 -11.21 8.54
C ARG A 228 2.15 -10.56 9.33
N GLY A 229 0.97 -10.47 8.68
CA GLY A 229 -0.18 -9.83 9.30
C GLY A 229 -0.84 -10.68 10.37
N GLU A 230 -1.57 -9.99 11.28
CA GLU A 230 -2.23 -10.71 12.36
C GLU A 230 -3.39 -11.58 11.90
N GLU A 231 -3.80 -11.50 10.62
CA GLU A 231 -4.77 -12.46 10.11
C GLU A 231 -4.26 -13.90 10.25
N TRP A 232 -2.95 -14.08 10.31
CA TRP A 232 -2.32 -15.38 10.49
C TRP A 232 -2.15 -15.78 11.95
N LEU A 233 -2.34 -14.85 12.89
CA LEU A 233 -2.05 -15.17 14.29
C LEU A 233 -2.87 -16.34 14.83
N PRO A 234 -4.15 -16.53 14.50
CA PRO A 234 -4.86 -17.71 15.03
C PRO A 234 -4.31 -19.03 14.53
N SER A 235 -3.51 -19.02 13.45
CA SER A 235 -2.88 -20.22 12.90
C SER A 235 -1.47 -20.46 13.43
N MET A 236 -0.94 -19.57 14.26
CA MET A 236 0.44 -19.70 14.71
C MET A 236 0.66 -21.00 15.50
N ALA A 237 -0.31 -21.37 16.36
CA ALA A 237 -0.16 -22.61 17.12
C ALA A 237 -0.06 -23.81 16.18
N LEU A 238 -0.93 -23.87 15.17
CA LEU A 238 -0.82 -24.93 14.16
C LEU A 238 0.56 -24.94 13.53
N HIS A 239 1.07 -23.78 13.15
CA HIS A 239 2.35 -23.75 12.45
C HIS A 239 3.47 -24.26 13.33
N VAL A 240 3.48 -23.84 14.60
CA VAL A 240 4.50 -24.33 15.53
C VAL A 240 4.37 -25.84 15.71
N LEU A 241 3.13 -26.36 15.77
CA LEU A 241 2.93 -27.79 15.89
C LEU A 241 3.39 -28.54 14.63
N LEU A 242 3.25 -27.91 13.45
CA LEU A 242 3.73 -28.57 12.23
C LEU A 242 5.26 -28.70 12.24
N TYR A 243 5.97 -27.66 12.69
CA TYR A 243 7.43 -27.79 12.79
C TYR A 243 7.79 -28.93 13.74
N GLU A 244 7.07 -29.03 14.87
CA GLU A 244 7.30 -30.14 15.79
C GLU A 244 7.04 -31.47 15.11
N ALA A 245 5.94 -31.59 14.38
CA ALA A 245 5.59 -32.84 13.71
C ALA A 245 6.69 -33.29 12.76
N MET A 246 7.38 -32.33 12.14
CA MET A 246 8.40 -32.62 11.15
C MET A 246 9.78 -32.81 11.76
N GLY A 247 9.90 -32.62 13.07
CA GLY A 247 11.19 -32.67 13.75
C GLY A 247 12.08 -31.48 13.49
N TRP A 248 11.48 -30.32 13.23
CA TRP A 248 12.19 -29.11 12.81
C TRP A 248 12.07 -28.00 13.85
N ASP A 249 13.03 -27.07 13.78
CA ASP A 249 13.00 -25.86 14.59
C ASP A 249 12.21 -24.77 13.88
N ALA A 250 11.29 -24.15 14.59
CA ALA A 250 10.50 -23.09 13.97
C ALA A 250 11.31 -21.80 13.88
N PRO A 251 11.04 -20.98 12.86
CA PRO A 251 11.60 -19.62 12.85
C PRO A 251 10.94 -18.78 13.93
N GLU A 252 11.45 -17.56 14.09
CA GLU A 252 10.75 -16.58 14.92
C GLU A 252 9.62 -15.95 14.13
N PHE A 253 8.60 -15.47 14.84
CA PHE A 253 7.42 -14.86 14.23
C PHE A 253 7.22 -13.45 14.76
N ALA A 254 6.70 -12.59 13.88
CA ALA A 254 6.26 -11.23 14.24
C ALA A 254 4.96 -10.95 13.52
N HIS A 255 3.89 -10.71 14.27
CA HIS A 255 2.57 -10.51 13.68
C HIS A 255 2.18 -9.04 13.79
N LEU A 256 1.97 -8.41 12.63
CA LEU A 256 1.65 -6.99 12.54
C LEU A 256 0.15 -6.76 12.63
N SER A 257 -0.25 -5.85 13.50
CA SER A 257 -1.68 -5.58 13.69
C SER A 257 -2.25 -4.90 12.45
N LEU A 258 -3.51 -5.22 12.14
CA LEU A 258 -4.15 -4.65 10.95
C LEU A 258 -4.23 -3.14 11.05
N ILE A 259 -4.03 -2.48 9.91
CA ILE A 259 -4.18 -1.03 9.82
C ILE A 259 -5.64 -0.67 10.05
N LEU A 260 -5.86 0.35 10.89
CA LEU A 260 -7.20 0.72 11.28
C LEU A 260 -7.79 1.79 10.35
N LYS A 261 -9.12 1.88 10.38
CA LYS A 261 -9.84 2.88 9.59
C LYS A 261 -9.42 4.28 10.01
N PRO A 262 -9.56 5.26 9.10
CA PRO A 262 -9.20 6.64 9.49
C PRO A 262 -10.05 7.16 10.63
N GLU A 263 -11.32 6.78 10.67
CA GLU A 263 -12.23 7.24 11.72
C GLU A 263 -13.19 6.12 12.05
N GLY A 264 -13.56 6.02 13.32
CA GLY A 264 -14.46 4.98 13.77
C GLY A 264 -13.75 3.67 14.07
N LYS A 265 -14.57 2.67 14.39
CA LYS A 265 -14.09 1.33 14.67
C LYS A 265 -13.89 0.53 13.38
N GLY A 266 -13.06 -0.50 13.46
CA GLY A 266 -12.84 -1.42 12.35
C GLY A 266 -11.49 -1.22 11.67
N LYS A 267 -11.25 -2.06 10.68
CA LYS A 267 -9.99 -2.08 9.95
C LYS A 267 -10.11 -1.36 8.63
N LEU A 268 -8.97 -0.89 8.11
CA LEU A 268 -8.94 -0.19 6.83
C LEU A 268 -9.41 -1.11 5.71
N SER A 269 -10.24 -0.58 4.82
CA SER A 269 -10.71 -1.32 3.66
C SER A 269 -10.87 -0.37 2.49
N LYS A 270 -10.97 -0.96 1.29
CA LYS A 270 -11.24 -0.17 0.09
C LYS A 270 -12.51 0.66 0.23
N ARG A 271 -13.44 0.25 1.10
CA ARG A 271 -14.62 1.06 1.37
C ARG A 271 -14.24 2.42 1.93
N ASP A 272 -13.16 2.47 2.73
CA ASP A 272 -12.70 3.75 3.26
C ASP A 272 -12.08 4.61 2.15
N GLY A 273 -11.36 3.99 1.23
CA GLY A 273 -10.81 4.75 0.12
C GLY A 273 -11.88 5.29 -0.80
N ASP A 274 -12.91 4.48 -1.09
CA ASP A 274 -14.00 4.94 -1.95
C ASP A 274 -14.87 5.98 -1.27
N LYS A 275 -14.97 5.96 0.06
CA LYS A 275 -15.78 6.93 0.77
C LYS A 275 -15.04 8.21 1.10
N PHE A 276 -13.70 8.19 1.16
CA PHE A 276 -12.94 9.37 1.56
CA PHE A 276 -12.87 9.31 1.59
C PHE A 276 -12.06 9.94 0.46
N GLY A 277 -11.88 9.22 -0.65
CA GLY A 277 -11.10 9.75 -1.76
C GLY A 277 -9.60 9.61 -1.65
N PHE A 278 -9.11 8.42 -1.30
CA PHE A 278 -7.70 8.12 -1.40
C PHE A 278 -7.54 6.74 -2.00
N PRO A 279 -6.39 6.47 -2.62
CA PRO A 279 -6.20 5.16 -3.25
C PRO A 279 -5.92 4.08 -2.21
N VAL A 280 -6.09 2.85 -2.65
CA VAL A 280 -5.85 1.71 -1.77
C VAL A 280 -4.76 0.78 -2.29
N PHE A 281 -4.38 0.87 -3.55
CA PHE A 281 -3.32 0.02 -4.11
C PHE A 281 -2.15 0.88 -4.55
N PRO A 282 -0.91 0.37 -4.51
CA PRO A 282 0.23 1.20 -4.95
C PRO A 282 0.15 1.57 -6.43
N LEU A 283 -0.33 0.67 -7.28
CA LEU A 283 -0.38 0.86 -8.72
C LEU A 283 -1.80 0.61 -9.21
N ASN A 284 -2.11 1.16 -10.39
CA ASN A 284 -3.38 0.87 -11.06
C ASN A 284 -3.67 -0.61 -11.08
N PHE A 285 -4.91 -0.98 -10.73
CA PHE A 285 -5.39 -2.35 -10.87
C PHE A 285 -6.74 -2.36 -11.56
N THR A 286 -6.83 -3.09 -12.67
CA THR A 286 -8.09 -3.27 -13.39
C THR A 286 -8.71 -4.60 -12.99
N ASP A 287 -9.89 -4.55 -12.38
CA ASP A 287 -10.57 -5.77 -11.94
C ASP A 287 -11.07 -6.55 -13.16
N PRO A 288 -10.62 -7.78 -13.36
CA PRO A 288 -11.01 -8.51 -14.58
C PRO A 288 -12.49 -8.80 -14.67
N ALA A 289 -13.21 -8.87 -13.54
CA ALA A 289 -14.63 -9.18 -13.58
C ALA A 289 -15.46 -8.01 -14.08
N THR A 290 -15.11 -6.79 -13.70
CA THR A 290 -15.90 -5.61 -14.02
C THR A 290 -15.24 -4.70 -15.04
N GLY A 291 -13.95 -4.87 -15.31
CA GLY A 291 -13.24 -3.98 -16.19
C GLY A 291 -12.98 -2.60 -15.64
N ASN A 292 -13.30 -2.36 -14.37
CA ASN A 292 -13.09 -1.06 -13.75
C ASN A 292 -11.71 -0.99 -13.12
N THR A 293 -11.06 0.18 -13.26
CA THR A 293 -9.71 0.37 -12.79
C THR A 293 -9.71 1.21 -11.51
N SER A 294 -9.04 0.71 -10.47
CA SER A 294 -8.74 1.47 -9.27
C SER A 294 -7.39 2.18 -9.47
N ALA A 295 -7.40 3.50 -9.38
CA ALA A 295 -6.17 4.27 -9.61
C ALA A 295 -5.22 4.11 -8.43
N GLY A 296 -3.96 3.83 -8.72
CA GLY A 296 -2.98 3.60 -7.66
C GLY A 296 -2.40 4.89 -7.11
N TYR A 297 -1.73 4.75 -5.96
CA TYR A 297 -0.94 5.85 -5.41
C TYR A 297 -0.01 6.45 -6.45
N ARG A 298 0.69 5.59 -7.21
CA ARG A 298 1.65 6.09 -8.19
C ARG A 298 0.95 6.98 -9.22
N GLU A 299 -0.15 6.51 -9.79
CA GLU A 299 -0.81 7.25 -10.86
C GLU A 299 -1.54 8.48 -10.33
N GLU A 300 -1.91 8.49 -9.04
CA GLU A 300 -2.50 9.67 -8.41
C GLU A 300 -1.46 10.72 -8.04
N GLY A 301 -0.18 10.48 -8.31
CA GLY A 301 0.84 11.49 -8.09
C GLY A 301 1.58 11.41 -6.77
N TYR A 302 1.43 10.32 -6.03
CA TYR A 302 2.22 10.16 -4.81
C TYR A 302 3.65 9.78 -5.17
N LEU A 303 4.61 10.50 -4.60
CA LEU A 303 6.01 10.21 -4.86
C LEU A 303 6.41 8.96 -4.08
N PRO A 304 7.14 8.03 -4.70
CA PRO A 304 7.39 6.75 -4.00
C PRO A 304 8.13 6.92 -2.68
N GLU A 305 9.06 7.88 -2.60
CA GLU A 305 9.77 8.12 -1.35
C GLU A 305 8.82 8.60 -0.26
N ALA A 306 7.84 9.43 -0.63
CA ALA A 306 6.87 9.92 0.34
C ALA A 306 5.89 8.81 0.72
N PHE A 307 5.44 8.05 -0.27
CA PHE A 307 4.55 6.92 -0.03
C PHE A 307 5.16 5.93 0.97
N ILE A 308 6.40 5.50 0.74
CA ILE A 308 6.95 4.46 1.61
C ILE A 308 7.33 5.01 2.97
N ASN A 309 7.67 6.31 3.06
CA ASN A 309 7.86 6.95 4.36
C ASN A 309 6.56 6.92 5.16
N MET A 310 5.44 7.21 4.50
CA MET A 310 4.14 7.17 5.17
C MET A 310 3.81 5.76 5.65
N VAL A 311 4.02 4.77 4.79
CA VAL A 311 3.67 3.40 5.14
C VAL A 311 4.50 2.92 6.33
N ALA A 312 5.79 3.26 6.34
CA ALA A 312 6.67 2.84 7.42
C ALA A 312 6.17 3.29 8.77
N MET A 313 5.59 4.49 8.84
CA MET A 313 5.21 5.07 10.11
C MET A 313 3.84 4.58 10.60
N LEU A 314 3.21 3.64 9.89
CA LEU A 314 1.98 3.00 10.36
C LEU A 314 2.33 1.93 11.38
N GLY A 315 2.68 2.39 12.58
CA GLY A 315 2.96 1.50 13.68
C GLY A 315 4.41 1.40 14.07
N TRP A 316 5.30 2.15 13.41
CA TRP A 316 6.69 2.21 13.82
C TRP A 316 7.02 3.68 14.02
N SER A 317 7.66 3.99 15.14
CA SER A 317 8.12 5.35 15.41
C SER A 317 9.59 5.27 15.77
N PRO A 318 10.48 5.74 14.91
CA PRO A 318 11.91 5.73 15.24
C PRO A 318 12.17 6.51 16.53
N ALA A 319 13.13 6.02 17.31
CA ALA A 319 13.38 6.58 18.63
C ALA A 319 13.73 8.07 18.57
N ASP A 320 14.26 8.54 17.44
CA ASP A 320 14.69 9.93 17.33
C ASP A 320 13.54 10.88 17.01
N ASN A 321 12.32 10.37 16.80
CA ASN A 321 11.14 11.17 16.51
C ASN A 321 11.28 11.99 15.24
N LYS A 322 12.13 11.55 14.32
CA LYS A 322 12.29 12.20 13.03
C LYS A 322 11.34 11.55 12.03
N GLU A 323 10.40 12.34 11.51
CA GLU A 323 9.34 11.78 10.67
C GLU A 323 9.79 11.56 9.23
N ILE A 324 10.57 12.48 8.68
CA ILE A 324 11.01 12.39 7.29
C ILE A 324 12.32 11.61 7.26
N VAL A 325 12.29 10.44 6.64
CA VAL A 325 13.47 9.58 6.57
C VAL A 325 13.52 8.91 5.20
N SER A 326 14.74 8.79 4.68
CA SER A 326 14.99 8.07 3.44
C SER A 326 15.01 6.57 3.70
N MET A 327 14.97 5.79 2.61
CA MET A 327 15.10 4.35 2.74
C MET A 327 16.40 3.98 3.47
N ASP A 328 17.52 4.63 3.13
CA ASP A 328 18.78 4.31 3.81
C ASP A 328 18.70 4.62 5.30
N GLU A 329 18.07 5.74 5.67
CA GLU A 329 17.92 6.07 7.09
C GLU A 329 17.02 5.06 7.80
N MET A 330 15.94 4.63 7.15
CA MET A 330 15.06 3.62 7.75
C MET A 330 15.80 2.31 7.92
N ILE A 331 16.59 1.90 6.94
CA ILE A 331 17.40 0.68 7.08
C ILE A 331 18.30 0.78 8.30
N LYS A 332 18.93 1.94 8.49
CA LYS A 332 19.90 2.07 9.58
C LYS A 332 19.23 1.97 10.96
N GLU A 333 18.00 2.44 11.11
CA GLU A 333 17.44 2.54 12.45
C GLU A 333 16.25 1.62 12.70
N PHE A 334 15.79 0.86 11.70
CA PHE A 334 14.62 0.01 11.91
C PHE A 334 14.91 -1.05 12.97
N ASP A 335 14.01 -1.12 13.95
CA ASP A 335 14.09 -2.10 15.03
C ASP A 335 12.72 -2.75 15.14
N LEU A 336 12.65 -4.02 14.76
CA LEU A 336 11.38 -4.73 14.78
C LEU A 336 10.78 -4.78 16.17
N ASN A 337 11.62 -4.72 17.21
CA ASN A 337 11.14 -4.73 18.58
C ASN A 337 10.48 -3.41 18.96
N LYS A 338 10.57 -2.38 18.11
CA LYS A 338 9.95 -1.09 18.32
C LYS A 338 8.64 -0.91 17.55
N VAL A 339 8.25 -1.89 16.75
CA VAL A 339 6.95 -1.83 16.06
C VAL A 339 5.85 -2.05 17.08
N HIS A 340 4.81 -1.21 17.02
CA HIS A 340 3.76 -1.22 18.04
C HIS A 340 2.86 -2.44 17.89
N LYS A 341 2.43 -2.98 19.04
CA LYS A 341 1.40 -4.01 19.06
C LYS A 341 0.02 -3.42 18.75
N ALA A 342 -0.22 -2.17 19.13
CA ALA A 342 -1.51 -1.54 18.85
C ALA A 342 -1.65 -1.25 17.36
N GLY A 343 -2.87 -1.39 16.85
CA GLY A 343 -3.14 -0.99 15.48
C GLY A 343 -2.93 0.50 15.27
N ALA A 344 -2.58 0.86 14.04
CA ALA A 344 -2.34 2.24 13.65
C ALA A 344 -3.45 2.66 12.69
N ARG A 345 -4.04 3.83 12.92
CA ARG A 345 -5.06 4.35 12.01
C ARG A 345 -4.42 4.90 10.74
N PHE A 346 -4.98 4.54 9.59
CA PHE A 346 -4.56 5.20 8.37
C PHE A 346 -5.00 6.66 8.38
N SER A 347 -4.16 7.54 7.83
CA SER A 347 -4.46 8.98 7.74
C SER A 347 -4.20 9.47 6.33
N ALA A 348 -5.26 9.82 5.61
CA ALA A 348 -5.07 10.44 4.31
C ALA A 348 -4.38 11.80 4.46
N GLU A 349 -4.69 12.52 5.54
CA GLU A 349 -4.03 13.79 5.83
C GLU A 349 -2.52 13.63 5.89
N LYS A 350 -2.06 12.62 6.63
CA LYS A 350 -0.64 12.36 6.77
C LYS A 350 -0.01 11.94 5.45
N ALA A 351 -0.72 11.14 4.65
CA ALA A 351 -0.17 10.74 3.37
C ALA A 351 0.03 11.96 2.46
N LYS A 352 -0.93 12.88 2.47
CA LYS A 352 -0.78 14.07 1.64
CA LYS A 352 -0.79 14.08 1.66
C LYS A 352 0.28 15.00 2.20
N TRP A 353 0.40 15.09 3.53
CA TRP A 353 1.45 15.91 4.14
C TRP A 353 2.82 15.39 3.75
N PHE A 354 3.03 14.06 3.83
CA PHE A 354 4.30 13.49 3.37
C PHE A 354 4.59 13.85 1.93
N ASN A 355 3.58 13.75 1.05
CA ASN A 355 3.80 14.08 -0.36
C ASN A 355 4.23 15.52 -0.50
N GLN A 356 3.55 16.43 0.19
CA GLN A 356 3.91 17.85 0.14
C GLN A 356 5.34 18.07 0.61
N GLN A 357 5.72 17.43 1.72
CA GLN A 357 7.08 17.60 2.24
C GLN A 357 8.12 17.20 1.21
N TYR A 358 7.89 16.07 0.53
CA TYR A 358 8.87 15.61 -0.46
C TYR A 358 8.83 16.45 -1.72
N LEU A 359 7.65 16.88 -2.14
CA LEU A 359 7.53 17.69 -3.36
C LEU A 359 8.28 19.01 -3.20
N GLN A 360 8.16 19.64 -2.02
CA GLN A 360 8.77 20.94 -1.78
C GLN A 360 10.28 20.89 -1.89
N LEU A 361 10.87 19.73 -1.64
CA LEU A 361 12.32 19.55 -1.66
C LEU A 361 12.85 19.11 -3.02
N MET A 362 11.98 18.70 -3.94
CA MET A 362 12.42 18.40 -5.30
C MET A 362 12.88 19.66 -6.01
N SER A 363 13.90 19.53 -6.86
CA SER A 363 14.29 20.64 -7.71
C SER A 363 13.20 20.94 -8.73
N ASN A 364 13.21 22.17 -9.25
CA ASN A 364 12.28 22.53 -10.30
C ASN A 364 12.48 21.62 -11.51
N GLU A 365 13.74 21.31 -11.84
CA GLU A 365 14.01 20.42 -12.96
C GLU A 365 13.44 19.02 -12.73
N ALA A 366 13.49 18.50 -11.49
CA ALA A 366 12.96 17.18 -11.22
C ALA A 366 11.44 17.12 -11.40
N ILE A 367 10.75 18.24 -11.16
CA ILE A 367 9.31 18.34 -11.30
C ILE A 367 8.90 18.54 -12.77
N LEU A 368 9.77 19.14 -13.58
CA LEU A 368 9.39 19.55 -14.94
C LEU A 368 8.80 18.43 -15.80
N PRO A 369 9.35 17.22 -15.84
CA PRO A 369 8.76 16.21 -16.75
C PRO A 369 7.30 15.90 -16.44
N GLU A 370 6.95 15.69 -15.17
CA GLU A 370 5.55 15.42 -14.85
C GLU A 370 4.70 16.67 -15.08
N PHE A 371 5.24 17.85 -14.77
CA PHE A 371 4.48 19.07 -15.00
C PHE A 371 4.16 19.25 -16.48
N LYS A 372 5.14 18.99 -17.36
CA LYS A 372 4.90 19.10 -18.79
C LYS A 372 3.87 18.09 -19.26
N LYS A 373 3.84 16.91 -18.65
CA LYS A 373 2.83 15.90 -18.96
C LYS A 373 1.45 16.42 -18.59
N VAL A 374 1.31 17.04 -17.41
CA VAL A 374 0.02 17.60 -17.03
C VAL A 374 -0.41 18.69 -18.01
N LEU A 375 0.53 19.57 -18.39
CA LEU A 375 0.20 20.63 -19.34
C LEU A 375 -0.28 20.04 -20.66
N ALA A 376 0.43 19.03 -21.18
CA ALA A 376 0.05 18.43 -22.45
C ALA A 376 -1.34 17.81 -22.36
N GLU A 377 -1.66 17.17 -21.23
CA GLU A 377 -2.99 16.59 -21.04
C GLU A 377 -4.08 17.65 -21.06
N ASN A 378 -3.75 18.90 -20.74
CA ASN A 378 -4.69 20.00 -20.74
C ASN A 378 -4.52 20.91 -21.96
N ASN A 379 -3.85 20.42 -23.00
CA ASN A 379 -3.66 21.15 -24.26
CA ASN A 379 -3.69 21.16 -24.26
C ASN A 379 -3.04 22.52 -24.02
N VAL A 380 -2.05 22.57 -23.14
CA VAL A 380 -1.31 23.80 -22.86
C VAL A 380 0.16 23.56 -23.19
N GLU A 381 0.79 24.57 -23.79
CA GLU A 381 2.22 24.51 -24.10
C GLU A 381 2.87 25.79 -23.62
N VAL A 382 4.02 25.67 -22.96
CA VAL A 382 4.80 26.83 -22.54
C VAL A 382 6.27 26.45 -22.66
N SER A 383 7.13 27.48 -22.74
CA SER A 383 8.56 27.23 -22.80
C SER A 383 9.03 26.57 -21.52
N ASP A 384 10.12 25.80 -21.61
CA ASP A 384 10.69 25.20 -20.40
C ASP A 384 11.14 26.28 -19.42
N GLU A 385 11.68 27.39 -19.93
CA GLU A 385 12.04 28.52 -19.08
C GLU A 385 10.87 28.98 -18.23
N LYS A 386 9.71 29.20 -18.85
CA LYS A 386 8.55 29.66 -18.09
C LYS A 386 8.03 28.56 -17.18
N ALA A 387 8.04 27.30 -17.65
CA ALA A 387 7.55 26.21 -16.82
C ALA A 387 8.36 26.10 -15.52
N LEU A 388 9.69 26.18 -15.61
CA LEU A 388 10.50 26.08 -14.40
C LEU A 388 10.21 27.23 -13.44
N LYS A 389 10.01 28.44 -13.97
CA LYS A 389 9.69 29.57 -13.11
C LYS A 389 8.33 29.39 -12.45
N ILE A 390 7.35 28.87 -13.19
CA ILE A 390 6.03 28.61 -12.60
C ILE A 390 6.14 27.56 -11.50
N ILE A 391 6.90 26.48 -11.75
CA ILE A 391 7.11 25.46 -10.72
C ILE A 391 7.72 26.08 -9.47
N GLY A 392 8.74 26.95 -9.65
CA GLY A 392 9.35 27.59 -8.50
C GLY A 392 8.39 28.45 -7.70
N LEU A 393 7.48 29.13 -8.40
CA LEU A 393 6.50 30.01 -7.76
C LEU A 393 5.39 29.24 -7.06
N MET A 394 5.15 27.99 -7.46
CA MET A 394 3.96 27.28 -7.01
C MET A 394 4.23 26.07 -6.14
N LYS A 395 5.43 25.49 -6.17
CA LYS A 395 5.58 24.17 -5.57
C LYS A 395 5.47 24.19 -4.06
N GLU A 396 5.72 25.34 -3.41
CA GLU A 396 5.67 25.39 -1.95
C GLU A 396 4.26 25.14 -1.43
N ARG A 397 3.24 25.46 -2.23
CA ARG A 397 1.85 25.27 -1.81
C ARG A 397 1.22 23.98 -2.35
N ALA A 398 1.86 23.31 -3.29
CA ALA A 398 1.29 22.14 -3.95
C ALA A 398 1.44 20.89 -3.10
N THR A 399 0.45 20.00 -3.21
CA THR A 399 0.53 18.67 -2.63
C THR A 399 0.91 17.63 -3.67
N PHE A 400 0.50 17.86 -4.92
CA PHE A 400 0.79 17.02 -6.07
C PHE A 400 1.25 17.92 -7.21
N VAL A 401 2.09 17.39 -8.10
CA VAL A 401 2.57 18.20 -9.23
C VAL A 401 1.41 18.77 -10.04
N LYS A 402 0.31 18.02 -10.20
CA LYS A 402 -0.81 18.51 -11.01
CA LYS A 402 -0.80 18.51 -11.00
C LYS A 402 -1.42 19.77 -10.41
N ASP A 403 -1.28 19.98 -9.09
CA ASP A 403 -1.82 21.19 -8.45
C ASP A 403 -1.18 22.45 -9.02
N ILE A 404 0.08 22.35 -9.48
CA ILE A 404 0.76 23.52 -10.03
C ILE A 404 0.04 24.04 -11.26
N TYR A 405 -0.57 23.16 -12.05
CA TYR A 405 -1.43 23.63 -13.13
C TYR A 405 -2.84 23.95 -12.62
N ASN A 406 -3.46 23.02 -11.91
CA ASN A 406 -4.88 23.17 -11.61
C ASN A 406 -5.15 24.40 -10.75
N ASP A 407 -4.20 24.77 -9.89
CA ASP A 407 -4.32 25.97 -9.07
C ASP A 407 -3.60 27.16 -9.67
N GLY A 408 -3.05 27.02 -10.87
CA GLY A 408 -2.36 28.11 -11.53
C GLY A 408 -2.83 28.33 -12.96
N LYS A 409 -4.14 28.17 -13.18
CA LYS A 409 -4.64 28.26 -14.55
C LYS A 409 -4.49 29.67 -15.12
N PHE A 410 -4.41 30.69 -14.26
CA PHE A 410 -4.21 32.06 -14.69
C PHE A 410 -2.86 32.29 -15.36
N PHE A 411 -1.91 31.37 -15.24
CA PHE A 411 -0.67 31.52 -16.00
C PHE A 411 -0.90 31.28 -17.48
N PHE A 412 -1.95 30.56 -17.84
CA PHE A 412 -2.17 30.08 -19.19
C PHE A 412 -3.48 30.56 -19.80
N HIS A 413 -4.42 31.04 -19.01
CA HIS A 413 -5.75 31.42 -19.49
C HIS A 413 -6.16 32.73 -18.84
N ALA A 414 -6.71 33.66 -19.65
CA ALA A 414 -7.20 34.91 -19.11
C ALA A 414 -8.53 34.69 -18.38
N PRO A 415 -8.83 35.50 -17.37
CA PRO A 415 -10.14 35.40 -16.72
C PRO A 415 -11.25 35.87 -17.66
N GLU A 416 -12.36 35.14 -17.64
CA GLU A 416 -13.53 35.50 -18.43
C GLU A 416 -14.54 36.32 -17.63
N SER A 417 -14.69 36.01 -16.34
CA SER A 417 -15.52 36.76 -15.42
C SER A 417 -14.67 37.27 -14.25
N PHE A 418 -15.33 37.89 -13.29
CA PHE A 418 -14.67 38.39 -12.08
C PHE A 418 -15.55 38.13 -10.88
N ASP A 419 -14.98 37.53 -9.84
CA ASP A 419 -15.70 37.29 -8.59
C ASP A 419 -16.30 38.59 -8.06
N GLU A 420 -17.60 38.54 -7.75
CA GLU A 420 -18.29 39.76 -7.33
C GLU A 420 -17.78 40.25 -5.99
N LYS A 421 -17.64 39.36 -5.01
CA LYS A 421 -17.13 39.75 -3.70
C LYS A 421 -15.76 40.41 -3.82
N ALA A 422 -14.85 39.81 -4.58
CA ALA A 422 -13.55 40.41 -4.80
C ALA A 422 -13.67 41.70 -5.61
N SER A 423 -14.60 41.75 -6.56
CA SER A 423 -14.78 42.96 -7.35
C SER A 423 -15.24 44.12 -6.47
N LYS A 424 -16.12 43.82 -5.49
CA LYS A 424 -16.58 44.86 -4.58
C LYS A 424 -15.47 45.30 -3.63
N LYS A 425 -14.69 44.34 -3.10
CA LYS A 425 -13.60 44.70 -2.20
C LYS A 425 -12.53 45.50 -2.92
N ALA A 426 -12.22 45.14 -4.16
CA ALA A 426 -11.23 45.87 -4.95
C ALA A 426 -11.92 46.73 -6.00
N ALA A 432 -9.87 51.79 -9.45
CA ALA A 432 -10.39 52.71 -10.46
C ALA A 432 -9.58 52.61 -11.74
N VAL A 433 -10.24 52.92 -12.87
CA VAL A 433 -9.62 52.65 -14.17
C VAL A 433 -8.49 53.62 -14.46
N LEU A 434 -8.54 54.83 -13.89
CA LEU A 434 -7.49 55.81 -14.13
C LEU A 434 -6.14 55.32 -13.56
N MET A 435 -6.15 54.83 -12.33
CA MET A 435 -4.94 54.25 -11.75
C MET A 435 -4.42 53.11 -12.61
N GLN A 436 -5.32 52.25 -13.09
CA GLN A 436 -4.89 51.13 -13.92
C GLN A 436 -4.36 51.60 -15.26
N GLU A 437 -5.01 52.61 -15.86
CA GLU A 437 -4.50 53.18 -17.10
C GLU A 437 -3.10 53.75 -16.90
N LEU A 438 -2.89 54.47 -15.79
CA LEU A 438 -1.57 55.03 -15.51
C LEU A 438 -0.55 53.92 -15.29
N THR A 439 -0.96 52.81 -14.69
CA THR A 439 -0.04 51.68 -14.52
C THR A 439 0.34 51.09 -15.87
N GLU A 440 -0.62 50.98 -16.79
CA GLU A 440 -0.33 50.46 -18.12
C GLU A 440 0.79 51.22 -18.80
N ALA A 441 0.80 52.54 -18.66
CA ALA A 441 1.83 53.35 -19.30
C ALA A 441 3.20 53.09 -18.69
N ILE A 442 3.26 52.85 -17.38
CA ILE A 442 4.55 52.74 -16.70
C ILE A 442 5.22 51.38 -16.90
N SER A 443 4.46 50.34 -17.18
CA SER A 443 5.03 49.00 -17.27
C SER A 443 5.82 48.75 -18.56
N SER A 444 5.76 49.67 -19.53
CA SER A 444 6.48 49.46 -20.78
C SER A 444 7.99 49.51 -20.56
N LEU A 445 8.54 48.48 -19.92
CA LEU A 445 9.97 48.43 -19.62
C LEU A 445 10.41 46.96 -19.57
N ASP A 446 11.63 46.73 -19.06
CA ASP A 446 12.11 45.37 -18.88
C ASP A 446 11.22 44.64 -17.90
N PHE A 447 10.30 43.81 -18.43
CA PHE A 447 9.24 43.21 -17.64
C PHE A 447 9.76 42.16 -16.67
N LYS A 448 10.60 42.56 -15.73
CA LYS A 448 11.11 41.68 -14.69
C LYS A 448 10.37 41.95 -13.38
N ALA A 449 10.11 40.89 -12.62
CA ALA A 449 9.31 41.02 -11.40
C ALA A 449 9.87 42.08 -10.46
N GLU A 450 11.18 42.10 -10.28
CA GLU A 450 11.79 43.06 -9.36
C GLU A 450 11.63 44.49 -9.87
N ILE A 451 11.72 44.68 -11.19
CA ILE A 451 11.57 46.02 -11.74
C ILE A 451 10.10 46.42 -11.83
N ILE A 452 9.21 45.46 -12.07
CA ILE A 452 7.79 45.75 -12.11
C ILE A 452 7.31 46.22 -10.74
N LYS A 453 7.72 45.51 -9.69
CA LYS A 453 7.31 45.90 -8.34
C LYS A 453 7.89 47.27 -7.98
N GLU A 454 9.14 47.53 -8.39
CA GLU A 454 9.73 48.84 -8.15
C GLU A 454 8.94 49.94 -8.87
N SER A 455 8.44 49.64 -10.06
CA SER A 455 7.62 50.60 -10.79
C SER A 455 6.27 50.81 -10.10
N ILE A 456 5.67 49.72 -9.60
CA ILE A 456 4.38 49.83 -8.92
C ILE A 456 4.53 50.64 -7.63
N HIS A 457 5.61 50.39 -6.88
CA HIS A 457 5.88 51.19 -5.69
C HIS A 457 6.15 52.64 -6.05
N HIS A 458 6.80 52.89 -7.19
CA HIS A 458 7.04 54.26 -7.62
C HIS A 458 5.73 54.97 -7.95
N LEU A 459 4.81 54.25 -8.62
CA LEU A 459 3.50 54.83 -8.91
C LEU A 459 2.72 55.11 -7.64
N ALA A 460 2.73 54.15 -6.69
CA ALA A 460 2.00 54.35 -5.45
C ALA A 460 2.59 55.50 -4.64
N GLU A 461 3.93 55.59 -4.59
CA GLU A 461 4.56 56.69 -3.89
C GLU A 461 4.33 58.02 -4.60
N ALA A 462 4.31 58.00 -5.94
CA ALA A 462 4.04 59.22 -6.69
C ALA A 462 2.61 59.69 -6.48
N LYS A 463 1.65 58.77 -6.49
CA LYS A 463 0.27 59.08 -6.14
C LYS A 463 0.14 59.08 -4.62
N GLY A 464 -1.10 59.08 -4.12
CA GLY A 464 -1.29 59.15 -2.68
C GLY A 464 -2.00 57.95 -2.08
N LEU A 465 -1.56 56.75 -2.45
CA LEU A 465 -2.23 55.52 -2.01
C LEU A 465 -1.21 54.50 -1.55
N GLY A 466 -1.66 53.63 -0.64
CA GLY A 466 -0.86 52.49 -0.26
C GLY A 466 -0.78 51.46 -1.39
N MET A 467 0.23 50.60 -1.31
CA MET A 467 0.54 49.71 -2.42
C MET A 467 -0.62 48.78 -2.75
N GLY A 468 -1.43 48.43 -1.74
CA GLY A 468 -2.56 47.54 -1.99
C GLY A 468 -3.62 48.15 -2.88
N LYS A 469 -3.70 49.48 -2.90
CA LYS A 469 -4.65 50.16 -3.78
C LYS A 469 -4.34 49.90 -5.25
N VAL A 470 -3.08 49.64 -5.57
CA VAL A 470 -2.72 49.23 -6.93
C VAL A 470 -2.71 47.71 -7.06
N MET A 471 -2.14 47.02 -6.06
CA MET A 471 -1.92 45.58 -6.18
C MET A 471 -3.23 44.79 -6.22
N MET A 472 -4.23 45.21 -5.44
CA MET A 472 -5.41 44.36 -5.30
C MET A 472 -6.29 44.38 -6.55
N PRO A 473 -6.66 45.56 -7.10
CA PRO A 473 -7.40 45.52 -8.37
C PRO A 473 -6.60 44.92 -9.51
N LEU A 474 -5.27 45.07 -9.47
CA LEU A 474 -4.41 44.44 -10.45
C LEU A 474 -4.49 42.92 -10.36
N ARG A 475 -4.43 42.37 -9.14
CA ARG A 475 -4.60 40.93 -8.96
C ARG A 475 -5.94 40.47 -9.51
N LEU A 476 -7.01 41.21 -9.22
CA LEU A 476 -8.33 40.82 -9.71
C LEU A 476 -8.36 40.79 -11.23
N SER A 477 -7.72 41.77 -11.87
CA SER A 477 -7.69 41.83 -13.34
C SER A 477 -7.00 40.61 -13.93
N LEU A 478 -5.91 40.16 -13.31
CA LEU A 478 -5.09 39.11 -13.90
C LEU A 478 -5.64 37.72 -13.60
N VAL A 479 -6.34 37.57 -12.47
CA VAL A 479 -6.73 36.26 -11.98
C VAL A 479 -8.25 36.05 -12.00
N GLY A 480 -9.03 37.12 -11.93
CA GLY A 480 -10.47 37.02 -11.76
C GLY A 480 -10.92 36.92 -10.33
N GLU A 481 -10.01 36.54 -9.43
CA GLU A 481 -10.30 36.52 -8.00
CA GLU A 481 -10.26 36.40 -8.00
C GLU A 481 -9.02 36.90 -7.26
N LEU A 482 -9.11 36.91 -5.93
CA LEU A 482 -7.95 37.29 -5.11
C LEU A 482 -7.20 36.02 -4.69
N LYS A 483 -6.39 35.51 -5.62
CA LYS A 483 -5.54 34.37 -5.33
C LYS A 483 -4.29 34.47 -6.21
N GLY A 484 -3.46 33.44 -6.12
CA GLY A 484 -2.26 33.36 -6.93
C GLY A 484 -1.01 33.85 -6.21
N PRO A 485 0.12 33.79 -6.91
CA PRO A 485 1.39 34.27 -6.33
C PRO A 485 1.48 35.78 -6.34
N ASP A 486 2.64 36.32 -5.97
CA ASP A 486 2.81 37.77 -5.98
C ASP A 486 2.54 38.33 -7.36
N VAL A 487 1.89 39.50 -7.39
CA VAL A 487 1.41 40.06 -8.65
C VAL A 487 2.56 40.35 -9.63
N PRO A 488 3.68 40.96 -9.22
CA PRO A 488 4.75 41.21 -10.20
C PRO A 488 5.32 39.93 -10.78
N ASP A 489 5.32 38.83 -10.03
CA ASP A 489 5.73 37.55 -10.57
C ASP A 489 4.76 37.04 -11.62
N LEU A 490 3.45 37.16 -11.35
CA LEU A 490 2.45 36.75 -12.33
C LEU A 490 2.56 37.58 -13.62
N MET A 491 2.75 38.89 -13.49
CA MET A 491 2.88 39.74 -14.67
C MET A 491 4.06 39.32 -15.53
N GLU A 492 5.20 39.03 -14.89
CA GLU A 492 6.37 38.58 -15.64
C GLU A 492 6.09 37.29 -16.39
N MET A 493 5.32 36.39 -15.79
CA MET A 493 5.07 35.08 -16.40
C MET A 493 4.19 35.21 -17.63
N ILE A 494 3.11 35.98 -17.54
CA ILE A 494 2.20 36.10 -18.68
C ILE A 494 2.66 37.13 -19.70
N GLY A 495 3.59 38.02 -19.33
CA GLY A 495 4.18 38.95 -20.25
C GLY A 495 3.43 40.28 -20.35
N LYS A 496 4.11 41.26 -20.96
CA LYS A 496 3.57 42.62 -21.03
C LYS A 496 2.26 42.66 -21.80
N GLU A 497 2.22 42.05 -22.99
CA GLU A 497 1.05 42.14 -23.86
C GLU A 497 -0.18 41.54 -23.18
N GLU A 498 -0.04 40.35 -22.59
CA GLU A 498 -1.18 39.70 -21.95
C GLU A 498 -1.58 40.44 -20.66
N THR A 499 -0.60 40.93 -19.91
CA THR A 499 -0.91 41.73 -18.72
C THR A 499 -1.78 42.92 -19.06
N ILE A 500 -1.37 43.70 -20.07
CA ILE A 500 -2.14 44.87 -20.47
C ILE A 500 -3.49 44.47 -21.02
N SER A 501 -3.54 43.38 -21.80
CA SER A 501 -4.82 42.88 -22.31
C SER A 501 -5.80 42.58 -21.18
N ARG A 502 -5.34 41.86 -20.14
CA ARG A 502 -6.23 41.53 -19.03
C ARG A 502 -6.65 42.77 -18.27
N ILE A 503 -5.74 43.75 -18.12
CA ILE A 503 -6.08 44.98 -17.43
C ILE A 503 -7.17 45.73 -18.20
N ASN A 504 -6.99 45.88 -19.51
CA ASN A 504 -7.99 46.57 -20.32
C ASN A 504 -9.31 45.83 -20.32
N LYS A 505 -9.26 44.49 -20.32
CA LYS A 505 -10.48 43.71 -20.23
C LYS A 505 -11.21 43.96 -18.91
N ALA A 506 -10.45 44.07 -17.82
CA ALA A 506 -11.06 44.37 -16.53
C ALA A 506 -11.58 45.79 -16.46
N ILE A 507 -10.87 46.74 -17.08
CA ILE A 507 -11.34 48.12 -17.14
C ILE A 507 -12.66 48.19 -17.90
N GLU A 508 -12.72 47.51 -19.04
CA GLU A 508 -13.96 47.47 -19.82
C GLU A 508 -15.07 46.71 -19.11
N THR A 509 -14.76 46.01 -18.03
CA THR A 509 -15.76 45.31 -17.24
C THR A 509 -15.90 45.95 -15.87
#